data_8X1V
#
_entry.id   8X1V
#
_entity_poly.entity_id   1
_entity_poly.type   'polydeoxyribonucleotide'
_entity_poly.pdbx_seq_one_letter_code
;(DA)(DA)(DG)(DG)(DG)(DA)(DA)(DG)(DG)(DG)(DA)(DA)
;
_entity_poly.pdbx_strand_id   A,B
#
loop_
_chem_comp.id
_chem_comp.type
_chem_comp.name
_chem_comp.formula
DA DNA linking 2'-DEOXYADENOSINE-5'-MONOPHOSPHATE 'C10 H14 N5 O6 P'
DG DNA linking 2'-DEOXYGUANOSINE-5'-MONOPHOSPHATE 'C10 H14 N5 O7 P'
#